data_1ID2
#
_entry.id   1ID2
#
_cell.length_a   87.400
_cell.length_b   87.400
_cell.length_c   38.200
_cell.angle_alpha   90.00
_cell.angle_beta   90.00
_cell.angle_gamma   120.00
#
_symmetry.space_group_name_H-M   'P 32'
#
loop_
_entity.id
_entity.type
_entity.pdbx_description
1 polymer AMICYANIN
2 non-polymer 'COPPER (II) ION'
3 water water
#
_entity_poly.entity_id   1
_entity_poly.type   'polypeptide(L)'
_entity_poly.pdbx_seq_one_letter_code
;QDKITVTSEKPVAAADVPADAVVVGIEKMKYLTPEVTIKAGETVYWVNGEVMPHNVAFKKGIVGEDAFRGEMMTKDQAYA
ITFNEAGSYDYFCTPHPFMRGKVIVE
;
_entity_poly.pdbx_strand_id   A,B,C
#
# COMPACT_ATOMS: atom_id res chain seq x y z
N GLN A 1 -22.92 -13.77 -3.40
CA GLN A 1 -22.32 -15.13 -3.42
C GLN A 1 -21.75 -15.45 -2.04
N ASP A 2 -20.51 -15.04 -1.81
CA ASP A 2 -19.81 -15.31 -0.57
C ASP A 2 -19.76 -14.04 0.30
N LYS A 3 -19.79 -14.24 1.62
CA LYS A 3 -19.45 -13.22 2.60
C LYS A 3 -17.97 -12.79 2.56
N ILE A 4 -17.16 -13.46 1.75
CA ILE A 4 -15.71 -13.28 1.77
C ILE A 4 -15.15 -13.11 0.36
N THR A 5 -13.92 -12.59 0.28
CA THR A 5 -13.19 -12.51 -0.97
C THR A 5 -11.82 -13.15 -0.77
N VAL A 6 -11.51 -14.09 -1.66
CA VAL A 6 -10.22 -14.73 -1.63
C VAL A 6 -9.35 -14.28 -2.80
N THR A 7 -8.77 -13.12 -2.51
CA THR A 7 -7.37 -12.83 -2.76
C THR A 7 -6.69 -13.86 -3.67
N SER A 8 -6.00 -14.82 -3.06
CA SER A 8 -5.22 -15.79 -3.81
C SER A 8 -5.69 -17.16 -3.37
N GLU A 9 -6.13 -17.93 -4.35
CA GLU A 9 -6.37 -19.36 -4.16
C GLU A 9 -5.13 -19.97 -3.52
N LYS A 10 -3.95 -19.56 -4.00
CA LYS A 10 -2.66 -20.13 -3.59
C LYS A 10 -2.19 -19.47 -2.27
N PRO A 11 -1.58 -20.26 -1.35
CA PRO A 11 -0.73 -19.68 -0.28
C PRO A 11 0.40 -18.80 -0.81
N VAL A 12 0.63 -17.66 -0.15
CA VAL A 12 1.76 -16.80 -0.44
C VAL A 12 2.86 -16.99 0.59
N ALA A 13 4.05 -16.48 0.30
CA ALA A 13 5.16 -16.63 1.22
C ALA A 13 4.89 -15.65 2.33
N ALA A 14 5.31 -15.99 3.55
CA ALA A 14 5.09 -15.12 4.71
C ALA A 14 5.81 -13.78 4.50
N ALA A 15 6.88 -13.83 3.71
CA ALA A 15 7.59 -12.63 3.30
C ALA A 15 6.73 -11.68 2.47
N ASP A 16 5.62 -12.16 1.91
CA ASP A 16 4.71 -11.32 1.11
C ASP A 16 3.60 -10.64 1.91
N VAL A 17 3.49 -10.96 3.20
CA VAL A 17 2.46 -10.39 4.09
C VAL A 17 2.78 -8.93 4.46
N PRO A 18 1.79 -8.03 4.34
CA PRO A 18 2.17 -6.64 4.60
C PRO A 18 2.31 -6.32 6.09
N ALA A 19 3.10 -5.30 6.38
CA ALA A 19 3.54 -5.06 7.73
C ALA A 19 2.38 -4.70 8.67
N ASP A 20 1.30 -4.16 8.10
CA ASP A 20 0.21 -3.66 8.94
C ASP A 20 -0.97 -4.64 9.06
N ALA A 21 -0.76 -5.86 8.61
CA ALA A 21 -1.82 -6.86 8.56
C ALA A 21 -2.21 -7.39 9.96
N VAL A 22 -3.45 -7.85 10.10
CA VAL A 22 -3.80 -8.71 11.23
C VAL A 22 -3.47 -10.13 10.86
N VAL A 23 -2.59 -10.75 11.65
CA VAL A 23 -2.02 -12.04 11.31
C VAL A 23 -2.39 -13.03 12.42
N VAL A 24 -2.95 -14.16 12.02
CA VAL A 24 -3.19 -15.23 12.96
C VAL A 24 -2.13 -16.26 12.71
N GLY A 25 -1.27 -16.45 13.71
CA GLY A 25 -0.21 -17.45 13.60
C GLY A 25 -0.68 -18.84 13.93
N ILE A 26 0.00 -19.82 13.35
CA ILE A 26 -0.32 -21.21 13.60
C ILE A 26 0.92 -21.95 14.11
N GLU A 27 0.86 -22.41 15.36
CA GLU A 27 1.97 -23.15 15.96
C GLU A 27 1.40 -24.20 16.86
N LYS A 28 2.11 -25.33 16.88
CA LYS A 28 1.81 -26.47 17.76
C LYS A 28 0.34 -26.87 17.76
N MET A 29 -0.14 -27.12 16.55
CA MET A 29 -1.49 -27.58 16.28
C MET A 29 -2.56 -26.65 16.84
N LYS A 30 -2.26 -25.36 16.93
CA LYS A 30 -3.20 -24.35 17.43
C LYS A 30 -3.18 -23.16 16.50
N TYR A 31 -4.32 -22.50 16.37
CA TYR A 31 -4.36 -21.13 15.87
C TYR A 31 -4.06 -20.31 17.08
N LEU A 32 -3.10 -19.40 16.94
CA LEU A 32 -2.57 -18.73 18.12
C LEU A 32 -3.45 -17.59 18.58
N THR A 33 -4.31 -17.10 17.69
CA THR A 33 -5.27 -16.08 18.08
C THR A 33 -6.62 -16.64 17.71
N PRO A 34 -7.31 -17.27 18.68
CA PRO A 34 -8.53 -18.06 18.44
C PRO A 34 -9.78 -17.24 18.12
N GLU A 35 -9.72 -15.94 18.42
CA GLU A 35 -10.81 -15.05 18.17
C GLU A 35 -10.25 -13.69 17.79
N VAL A 36 -10.46 -13.29 16.55
CA VAL A 36 -9.95 -12.01 16.05
C VAL A 36 -11.14 -11.19 15.56
N THR A 37 -11.11 -9.90 15.82
CA THR A 37 -12.22 -9.05 15.36
C THR A 37 -11.74 -7.82 14.57
N ILE A 38 -12.30 -7.73 13.37
CA ILE A 38 -11.95 -6.73 12.36
C ILE A 38 -13.24 -6.04 11.92
N LYS A 39 -13.12 -5.06 11.04
CA LYS A 39 -14.29 -4.45 10.40
C LYS A 39 -14.46 -5.02 9.01
N ALA A 40 -15.70 -5.05 8.50
CA ALA A 40 -15.98 -5.55 7.15
C ALA A 40 -15.07 -4.85 6.18
N GLY A 41 -14.60 -5.57 5.17
CA GLY A 41 -13.60 -5.04 4.28
C GLY A 41 -12.15 -5.29 4.67
N GLU A 42 -11.86 -5.59 5.94
CA GLU A 42 -10.49 -5.99 6.31
C GLU A 42 -10.12 -7.43 5.93
N THR A 43 -8.82 -7.66 5.76
CA THR A 43 -8.28 -8.97 5.40
C THR A 43 -7.56 -9.55 6.61
N VAL A 44 -7.74 -10.85 6.86
CA VAL A 44 -6.99 -11.54 7.91
C VAL A 44 -6.00 -12.44 7.19
N TYR A 45 -4.76 -12.49 7.67
CA TYR A 45 -3.80 -13.46 7.18
C TYR A 45 -3.53 -14.50 8.24
N TRP A 46 -3.36 -15.74 7.81
CA TRP A 46 -2.93 -16.83 8.66
C TRP A 46 -1.54 -17.17 8.18
N VAL A 47 -0.64 -17.43 9.11
CA VAL A 47 0.73 -17.83 8.76
C VAL A 47 1.11 -19.09 9.54
N ASN A 48 1.45 -20.13 8.80
CA ASN A 48 1.81 -21.39 9.40
C ASN A 48 3.28 -21.39 9.79
N GLY A 49 3.56 -21.60 11.07
CA GLY A 49 4.92 -21.58 11.54
C GLY A 49 5.58 -22.95 11.53
N GLU A 50 4.84 -24.02 11.28
CA GLU A 50 5.40 -25.36 11.45
C GLU A 50 5.34 -26.19 10.18
N VAL A 51 6.01 -27.34 10.20
CA VAL A 51 6.04 -28.23 9.04
C VAL A 51 4.75 -29.04 8.78
N MET A 52 3.93 -29.25 9.81
CA MET A 52 2.58 -29.79 9.62
C MET A 52 1.75 -28.85 8.76
N PRO A 53 1.16 -29.36 7.70
CA PRO A 53 0.39 -28.41 6.90
C PRO A 53 -0.96 -28.13 7.55
N HIS A 54 -1.43 -26.90 7.40
CA HIS A 54 -2.66 -26.43 8.00
C HIS A 54 -3.39 -25.56 6.99
N ASN A 55 -4.72 -25.62 6.98
CA ASN A 55 -5.50 -24.70 6.15
C ASN A 55 -6.56 -24.00 6.97
N VAL A 56 -7.37 -23.18 6.29
CA VAL A 56 -8.53 -22.51 6.91
C VAL A 56 -9.77 -22.95 6.14
N ALA A 57 -10.74 -23.53 6.84
CA ALA A 57 -11.96 -24.04 6.22
C ALA A 57 -13.24 -23.66 6.97
N PHE A 58 -14.33 -23.56 6.22
CA PHE A 58 -15.63 -23.14 6.76
C PHE A 58 -16.63 -24.21 6.33
N LYS A 59 -17.45 -24.65 7.27
CA LYS A 59 -18.58 -25.55 6.98
C LYS A 59 -19.59 -24.81 6.08
N LYS A 60 -20.60 -25.55 5.61
CA LYS A 60 -21.67 -24.99 4.80
C LYS A 60 -22.40 -23.91 5.60
N GLY A 61 -22.77 -22.82 4.93
CA GLY A 61 -23.68 -21.88 5.52
C GLY A 61 -23.01 -20.83 6.36
N ILE A 62 -21.68 -20.80 6.33
CA ILE A 62 -20.94 -19.89 7.18
C ILE A 62 -20.45 -18.65 6.41
N VAL A 63 -19.66 -18.85 5.35
CA VAL A 63 -19.25 -17.73 4.51
C VAL A 63 -19.98 -17.68 3.19
N GLY A 64 -20.90 -18.63 3.02
CA GLY A 64 -21.68 -18.72 1.81
C GLY A 64 -22.65 -19.87 2.01
N GLU A 65 -23.37 -20.24 0.96
CA GLU A 65 -24.27 -21.39 1.02
C GLU A 65 -23.45 -22.69 1.05
N ASP A 66 -22.35 -22.70 0.29
CA ASP A 66 -21.42 -23.83 0.25
C ASP A 66 -20.35 -23.81 1.33
N ALA A 67 -19.66 -24.94 1.44
CA ALA A 67 -18.45 -25.06 2.25
C ALA A 67 -17.26 -24.46 1.51
N PHE A 68 -16.30 -23.97 2.29
CA PHE A 68 -15.07 -23.40 1.76
C PHE A 68 -13.84 -24.06 2.42
N ARG A 69 -12.96 -24.60 1.60
CA ARG A 69 -11.74 -25.21 2.09
C ARG A 69 -10.55 -24.49 1.50
N GLY A 70 -9.77 -23.81 2.33
CA GLY A 70 -8.62 -23.09 1.83
C GLY A 70 -7.54 -24.10 1.46
N GLU A 71 -6.59 -23.71 0.63
CA GLU A 71 -5.46 -24.57 0.30
C GLU A 71 -4.51 -24.70 1.50
N MET A 72 -3.82 -25.83 1.58
CA MET A 72 -2.85 -26.12 2.67
C MET A 72 -1.59 -25.23 2.62
N MET A 73 -1.23 -24.66 3.77
CA MET A 73 0.02 -23.92 3.94
C MET A 73 1.01 -24.89 4.52
N THR A 74 2.22 -24.85 3.99
CA THR A 74 3.34 -25.49 4.63
C THR A 74 4.05 -24.37 5.37
N LYS A 75 5.19 -24.71 5.94
CA LYS A 75 5.90 -23.84 6.86
C LYS A 75 6.18 -22.45 6.27
N ASP A 76 5.86 -21.42 7.06
CA ASP A 76 5.94 -20.01 6.65
C ASP A 76 5.30 -19.65 5.33
N GLN A 77 4.22 -20.35 5.00
CA GLN A 77 3.31 -19.79 4.03
C GLN A 77 2.21 -19.07 4.77
N ALA A 78 1.56 -18.18 4.05
CA ALA A 78 0.51 -17.37 4.63
C ALA A 78 -0.73 -17.49 3.73
N TYR A 79 -1.89 -17.09 4.26
CA TYR A 79 -3.14 -17.19 3.51
C TYR A 79 -4.09 -16.08 3.93
N ALA A 80 -4.75 -15.46 2.95
CA ALA A 80 -5.55 -14.26 3.19
C ALA A 80 -6.99 -14.46 2.79
N ILE A 81 -7.87 -13.95 3.61
CA ILE A 81 -9.30 -13.90 3.33
C ILE A 81 -9.77 -12.52 3.72
N THR A 82 -10.47 -11.87 2.79
CA THR A 82 -11.12 -10.60 3.05
C THR A 82 -12.58 -10.81 3.43
N PHE A 83 -12.98 -10.25 4.56
CA PHE A 83 -14.32 -10.46 5.11
C PHE A 83 -15.16 -9.24 4.84
N ASN A 84 -16.16 -9.40 4.00
CA ASN A 84 -16.92 -8.26 3.50
C ASN A 84 -18.11 -7.95 4.35
N GLU A 85 -18.67 -8.98 4.99
CA GLU A 85 -19.87 -8.78 5.79
C GLU A 85 -19.67 -8.96 7.28
N ALA A 86 -20.32 -8.10 8.07
CA ALA A 86 -20.44 -8.22 9.54
C ALA A 86 -21.00 -9.57 10.00
N GLY A 87 -20.47 -10.12 11.10
CA GLY A 87 -20.90 -11.43 11.57
C GLY A 87 -19.88 -12.21 12.39
N SER A 88 -20.17 -13.48 12.71
CA SER A 88 -19.20 -14.39 13.37
C SER A 88 -18.93 -15.62 12.50
N TYR A 89 -17.66 -15.84 12.17
CA TYR A 89 -17.28 -16.88 11.22
C TYR A 89 -16.31 -17.82 11.92
N ASP A 90 -16.74 -19.06 12.09
CA ASP A 90 -15.91 -20.14 12.63
C ASP A 90 -15.17 -20.79 11.50
N TYR A 91 -13.91 -21.14 11.75
CA TYR A 91 -13.19 -21.97 10.79
C TYR A 91 -12.52 -23.07 11.58
N PHE A 92 -12.01 -24.05 10.84
CA PHE A 92 -11.30 -25.17 11.41
C PHE A 92 -10.30 -25.61 10.36
N CYS A 93 -9.41 -26.53 10.72
CA CYS A 93 -8.40 -27.01 9.83
C CYS A 93 -8.88 -28.35 9.37
N THR A 94 -8.97 -28.51 8.05
CA THR A 94 -9.68 -29.62 7.45
C THR A 94 -9.19 -31.00 7.94
N PRO A 95 -7.87 -31.24 7.94
CA PRO A 95 -7.43 -32.55 8.43
C PRO A 95 -7.31 -32.64 9.97
N HIS A 96 -7.45 -31.50 10.64
CA HIS A 96 -7.30 -31.41 12.10
C HIS A 96 -8.45 -30.60 12.67
N PRO A 97 -9.68 -31.17 12.64
CA PRO A 97 -10.90 -30.41 12.94
C PRO A 97 -11.01 -29.99 14.42
N PHE A 98 -10.11 -30.48 15.25
CA PHE A 98 -10.06 -30.03 16.62
C PHE A 98 -9.43 -28.66 16.69
N MET A 99 -8.71 -28.28 15.63
CA MET A 99 -8.23 -26.89 15.45
C MET A 99 -9.37 -26.00 14.92
N ARG A 100 -9.71 -24.99 15.71
CA ARG A 100 -10.85 -24.14 15.42
C ARG A 100 -10.46 -22.71 15.77
N GLY A 101 -11.10 -21.75 15.13
CA GLY A 101 -10.98 -20.36 15.58
C GLY A 101 -12.18 -19.60 15.06
N LYS A 102 -12.19 -18.30 15.32
CA LYS A 102 -13.25 -17.48 14.76
C LYS A 102 -12.86 -16.05 14.46
N VAL A 103 -13.51 -15.51 13.43
CA VAL A 103 -13.36 -14.11 13.06
C VAL A 103 -14.68 -13.38 13.28
N ILE A 104 -14.62 -12.33 14.07
CA ILE A 104 -15.75 -11.46 14.31
C ILE A 104 -15.60 -10.21 13.46
N VAL A 105 -16.52 -10.04 12.53
CA VAL A 105 -16.52 -8.92 11.63
C VAL A 105 -17.64 -7.97 12.02
N GLU A 106 -17.30 -6.69 12.12
CA GLU A 106 -18.29 -5.70 12.46
C GLU A 106 -18.14 -4.43 11.60
N GLN B 1 7.83 8.86 11.49
CA GLN B 1 8.38 7.60 10.91
C GLN B 1 7.32 7.08 9.93
N ASP B 2 7.78 6.42 8.88
CA ASP B 2 6.98 6.29 7.66
C ASP B 2 7.18 4.91 6.96
N LYS B 3 7.26 4.95 5.64
CA LYS B 3 7.68 3.80 4.84
C LYS B 3 9.21 3.80 4.73
N ILE B 4 9.81 4.88 5.23
CA ILE B 4 11.25 5.07 5.16
C ILE B 4 11.75 5.30 6.56
N THR B 5 13.06 5.18 6.72
CA THR B 5 13.72 5.50 7.97
C THR B 5 15.05 6.16 7.66
N VAL B 6 15.26 7.32 8.27
CA VAL B 6 16.50 8.04 8.15
C VAL B 6 17.33 7.69 9.38
N THR B 7 18.37 6.88 9.17
CA THR B 7 19.20 6.34 10.24
C THR B 7 20.02 7.43 10.95
N SER B 8 20.47 8.43 10.20
CA SER B 8 20.98 9.69 10.74
C SER B 8 20.31 10.90 10.05
N GLU B 9 19.73 11.80 10.82
CA GLU B 9 19.10 12.97 10.23
C GLU B 9 20.13 14.03 9.78
N LYS B 10 21.26 14.08 10.48
CA LYS B 10 22.37 14.92 10.04
C LYS B 10 22.99 14.23 8.82
N PRO B 11 23.50 15.02 7.84
CA PRO B 11 24.36 14.42 6.82
C PRO B 11 25.64 13.88 7.44
N VAL B 12 26.16 12.82 6.87
CA VAL B 12 27.39 12.26 7.36
C VAL B 12 28.47 12.46 6.28
N ALA B 13 29.67 11.95 6.54
CA ALA B 13 30.76 12.11 5.60
C ALA B 13 30.64 11.04 4.55
N ALA B 14 31.06 11.36 3.33
CA ALA B 14 31.15 10.39 2.25
C ALA B 14 32.03 9.19 2.63
N ALA B 15 32.89 9.40 3.62
CA ALA B 15 33.73 8.33 4.13
C ALA B 15 32.92 7.25 4.84
N ASP B 16 31.74 7.60 5.35
CA ASP B 16 30.88 6.66 6.06
C ASP B 16 29.97 5.86 5.14
N VAL B 17 30.02 6.15 3.84
CA VAL B 17 29.32 5.35 2.84
C VAL B 17 30.07 4.05 2.57
N PRO B 18 29.33 2.93 2.52
CA PRO B 18 29.98 1.64 2.26
C PRO B 18 30.15 1.34 0.78
N ALA B 19 30.92 0.30 0.49
CA ALA B 19 31.30 -0.05 -0.89
C ALA B 19 30.25 -0.90 -1.62
N ASP B 20 29.39 -1.56 -0.85
CA ASP B 20 28.26 -2.30 -1.41
C ASP B 20 27.24 -1.26 -1.92
N ALA B 21 27.22 -0.12 -1.22
CA ALA B 21 26.11 0.83 -1.22
C ALA B 21 25.55 1.16 -2.60
N VAL B 22 24.27 1.52 -2.62
CA VAL B 22 23.65 2.11 -3.79
C VAL B 22 23.74 3.62 -3.59
N VAL B 23 24.48 4.31 -4.46
CA VAL B 23 24.80 5.74 -4.27
C VAL B 23 24.40 6.58 -5.48
N VAL B 24 23.74 7.68 -5.19
CA VAL B 24 23.35 8.62 -6.21
C VAL B 24 24.23 9.85 -5.97
N GLY B 25 25.01 10.24 -6.98
CA GLY B 25 25.80 11.45 -6.82
C GLY B 25 25.07 12.72 -7.24
N ILE B 26 25.45 13.85 -6.67
CA ILE B 26 24.81 15.11 -6.96
C ILE B 26 25.92 16.03 -7.42
N GLU B 27 25.81 16.48 -8.66
CA GLU B 27 26.80 17.38 -9.23
C GLU B 27 26.12 18.24 -10.30
N LYS B 28 26.50 19.51 -10.36
CA LYS B 28 26.04 20.43 -11.40
C LYS B 28 24.54 20.56 -11.38
N MET B 29 23.98 20.69 -10.19
CA MET B 29 22.56 20.96 -10.00
C MET B 29 21.70 19.83 -10.53
N LYS B 30 22.14 18.58 -10.40
CA LYS B 30 21.27 17.45 -10.77
C LYS B 30 21.66 16.20 -10.03
N TYR B 31 20.71 15.29 -9.93
CA TYR B 31 20.95 13.94 -9.42
C TYR B 31 21.45 13.12 -10.58
N LEU B 32 22.63 12.54 -10.42
CA LEU B 32 23.35 11.96 -11.53
C LEU B 32 22.73 10.63 -11.96
N THR B 33 22.10 9.94 -11.01
CA THR B 33 21.36 8.71 -11.32
C THR B 33 19.90 8.86 -10.90
N PRO B 34 19.02 9.34 -11.81
CA PRO B 34 17.73 9.93 -11.43
C PRO B 34 16.67 8.86 -11.15
N GLU B 35 16.97 7.62 -11.53
CA GLU B 35 16.16 6.48 -11.12
C GLU B 35 17.04 5.31 -10.65
N VAL B 36 16.73 4.81 -9.46
CA VAL B 36 17.42 3.65 -8.93
C VAL B 36 16.34 2.71 -8.42
N THR B 37 16.56 1.42 -8.51
CA THR B 37 15.57 0.46 -8.07
C THR B 37 16.22 -0.53 -7.13
N ILE B 38 15.68 -0.57 -5.92
CA ILE B 38 16.23 -1.39 -4.85
C ILE B 38 15.19 -2.40 -4.35
N LYS B 39 15.57 -3.22 -3.40
CA LYS B 39 14.63 -4.10 -2.72
C LYS B 39 14.28 -3.42 -1.41
N ALA B 40 13.14 -3.79 -0.82
CA ALA B 40 12.72 -3.19 0.44
C ALA B 40 13.67 -3.61 1.57
N GLY B 41 13.95 -2.68 2.48
CA GLY B 41 14.97 -2.92 3.51
C GLY B 41 16.33 -2.36 3.14
N GLU B 42 16.48 -1.98 1.88
CA GLU B 42 17.74 -1.47 1.35
C GLU B 42 17.83 0.06 1.52
N THR B 43 19.06 0.57 1.58
CA THR B 43 19.35 1.98 1.84
C THR B 43 19.95 2.64 0.57
N VAL B 44 19.50 3.84 0.25
CA VAL B 44 20.11 4.56 -0.85
C VAL B 44 20.94 5.66 -0.23
N TYR B 45 22.13 5.92 -0.79
CA TYR B 45 22.98 7.00 -0.31
C TYR B 45 23.13 8.09 -1.38
N TRP B 46 22.96 9.34 -0.99
CA TRP B 46 23.20 10.46 -1.89
C TRP B 46 24.50 11.08 -1.42
N VAL B 47 25.35 11.44 -2.35
CA VAL B 47 26.62 12.08 -2.02
C VAL B 47 26.68 13.38 -2.80
N ASN B 48 26.78 14.50 -2.09
CA ASN B 48 26.90 15.79 -2.73
C ASN B 48 28.36 16.07 -3.10
N GLY B 49 28.59 16.21 -4.41
CA GLY B 49 29.91 16.50 -4.91
C GLY B 49 30.29 17.96 -4.99
N GLU B 50 29.37 18.88 -4.69
CA GLU B 50 29.66 20.29 -4.92
C GLU B 50 29.29 21.15 -3.72
N VAL B 51 29.75 22.39 -3.72
CA VAL B 51 29.51 23.32 -2.62
C VAL B 51 28.09 23.86 -2.55
N MET B 52 27.37 23.83 -3.66
CA MET B 52 25.95 24.16 -3.63
C MET B 52 25.25 23.16 -2.73
N PRO B 53 24.55 23.62 -1.66
CA PRO B 53 23.80 22.68 -0.82
C PRO B 53 22.57 22.11 -1.53
N HIS B 54 22.36 20.82 -1.34
CA HIS B 54 21.30 20.06 -1.97
C HIS B 54 20.75 19.16 -0.87
N ASN B 55 19.50 18.72 -1.00
CA ASN B 55 18.97 17.71 -0.09
C ASN B 55 18.09 16.77 -0.87
N VAL B 56 17.40 15.90 -0.15
CA VAL B 56 16.34 15.11 -0.75
C VAL B 56 15.03 15.24 0.07
N ALA B 57 13.94 15.47 -0.66
CA ALA B 57 12.64 15.85 -0.08
C ALA B 57 11.54 15.06 -0.81
N PHE B 58 10.44 14.79 -0.09
CA PHE B 58 9.29 14.08 -0.67
C PHE B 58 8.02 14.85 -0.31
N LYS B 59 7.13 15.00 -1.29
CA LYS B 59 5.84 15.67 -1.08
C LYS B 59 4.95 14.78 -0.23
N LYS B 60 3.88 15.37 0.30
CA LYS B 60 2.82 14.61 0.97
C LYS B 60 2.40 13.36 0.19
N GLY B 61 2.09 12.31 0.93
CA GLY B 61 1.46 11.18 0.29
C GLY B 61 2.41 10.26 -0.44
N ILE B 62 3.71 10.46 -0.27
CA ILE B 62 4.68 9.60 -0.94
C ILE B 62 5.41 8.62 0.03
N VAL B 63 6.01 9.15 1.11
CA VAL B 63 6.66 8.31 2.10
C VAL B 63 5.74 8.17 3.30
N GLY B 64 4.71 9.01 3.33
CA GLY B 64 3.72 8.95 4.38
C GLY B 64 2.69 10.03 4.13
N GLU B 65 1.91 10.37 5.15
CA GLU B 65 0.81 11.31 4.97
C GLU B 65 1.29 12.76 4.91
N ASP B 66 2.41 13.01 5.60
CA ASP B 66 3.03 14.32 5.57
C ASP B 66 4.28 14.33 4.69
N ALA B 67 4.66 15.53 4.27
CA ALA B 67 5.88 15.72 3.51
C ALA B 67 7.14 15.44 4.36
N PHE B 68 8.23 15.12 3.68
CA PHE B 68 9.53 14.88 4.31
C PHE B 68 10.58 15.81 3.68
N ARG B 69 11.40 16.45 4.50
CA ARG B 69 12.50 17.24 3.99
C ARG B 69 13.81 16.87 4.67
N GLY B 70 14.68 16.18 3.94
CA GLY B 70 15.97 15.81 4.49
C GLY B 70 16.82 17.02 4.76
N GLU B 71 17.90 16.85 5.52
CA GLU B 71 18.82 17.96 5.83
C GLU B 71 19.74 18.33 4.64
N MET B 72 20.15 19.59 4.54
CA MET B 72 21.06 20.00 3.47
C MET B 72 22.43 19.33 3.56
N MET B 73 22.85 18.65 2.48
CA MET B 73 24.26 18.29 2.29
C MET B 73 25.06 19.41 1.66
N THR B 74 26.27 19.63 2.16
CA THR B 74 27.27 20.41 1.44
C THR B 74 28.31 19.48 0.80
N LYS B 75 29.39 20.04 0.29
CA LYS B 75 30.32 19.28 -0.54
C LYS B 75 30.85 18.07 0.20
N ASP B 76 30.84 16.92 -0.48
CA ASP B 76 31.34 15.67 0.09
C ASP B 76 30.65 15.20 1.39
N GLN B 77 29.42 15.66 1.61
CA GLN B 77 28.57 15.06 2.61
C GLN B 77 27.66 14.02 1.98
N ALA B 78 27.08 13.15 2.81
CA ALA B 78 26.22 12.08 2.35
C ALA B 78 24.92 12.00 3.16
N TYR B 79 23.89 11.42 2.57
CA TYR B 79 22.59 11.22 3.22
C TYR B 79 22.02 9.87 2.83
N ALA B 80 21.48 9.17 3.83
CA ALA B 80 21.07 7.79 3.60
C ALA B 80 19.63 7.66 3.98
N ILE B 81 18.87 7.03 3.11
CA ILE B 81 17.48 6.69 3.42
C ILE B 81 17.23 5.19 3.17
N THR B 82 16.69 4.53 4.18
CA THR B 82 16.32 3.12 4.11
C THR B 82 14.85 3.00 3.74
N PHE B 83 14.57 2.26 2.67
CA PHE B 83 13.23 2.23 2.09
C PHE B 83 12.66 0.88 2.44
N ASN B 84 11.68 0.91 3.34
CA ASN B 84 11.19 -0.33 3.93
C ASN B 84 9.97 -0.97 3.28
N GLU B 85 9.25 -0.20 2.47
CA GLU B 85 8.08 -0.73 1.77
C GLU B 85 8.19 -0.57 0.25
N ALA B 86 7.63 -1.52 -0.51
CA ALA B 86 7.60 -1.46 -1.96
C ALA B 86 6.83 -0.22 -2.52
N GLY B 87 7.23 0.27 -3.69
CA GLY B 87 6.51 1.38 -4.28
C GLY B 87 7.48 2.29 -4.99
N SER B 88 6.96 3.31 -5.67
CA SER B 88 7.81 4.27 -6.38
C SER B 88 7.86 5.57 -5.62
N TYR B 89 9.07 6.08 -5.43
CA TYR B 89 9.28 7.19 -4.54
C TYR B 89 9.95 8.32 -5.28
N ASP B 90 9.16 9.31 -5.65
CA ASP B 90 9.62 10.48 -6.37
C ASP B 90 10.12 11.49 -5.35
N TYR B 91 11.33 11.99 -5.54
CA TYR B 91 11.87 13.02 -4.65
C TYR B 91 12.38 14.23 -5.42
N PHE B 92 12.67 15.30 -4.71
CA PHE B 92 13.22 16.47 -5.37
C PHE B 92 14.12 17.17 -4.36
N CYS B 93 14.81 18.23 -4.80
CA CYS B 93 15.66 19.02 -3.92
C CYS B 93 14.86 20.23 -3.52
N THR B 94 14.82 20.48 -2.23
CA THR B 94 13.92 21.49 -1.70
C THR B 94 14.16 22.91 -2.27
N PRO B 95 15.41 23.40 -2.28
CA PRO B 95 15.63 24.74 -2.88
C PRO B 95 15.66 24.76 -4.42
N HIS B 96 15.86 23.58 -5.01
CA HIS B 96 15.95 23.41 -6.45
C HIS B 96 14.99 22.32 -6.93
N PRO B 97 13.69 22.61 -7.01
CA PRO B 97 12.71 21.54 -7.24
C PRO B 97 12.76 21.03 -8.67
N PHE B 98 13.53 21.72 -9.51
CA PHE B 98 13.78 21.26 -10.86
C PHE B 98 14.75 20.06 -10.87
N MET B 99 15.40 19.83 -9.73
CA MET B 99 16.15 18.60 -9.46
C MET B 99 15.22 17.49 -8.95
N ARG B 100 15.01 16.47 -9.77
CA ARG B 100 14.08 15.40 -9.46
C ARG B 100 14.74 14.04 -9.63
N GLY B 101 14.28 13.05 -8.88
CA GLY B 101 14.60 11.69 -9.21
C GLY B 101 13.57 10.73 -8.64
N LYS B 102 13.89 9.44 -8.68
CA LYS B 102 12.98 8.42 -8.22
C LYS B 102 13.71 7.22 -7.62
N VAL B 103 13.09 6.64 -6.60
CA VAL B 103 13.51 5.36 -6.08
C VAL B 103 12.35 4.40 -6.27
N ILE B 104 12.65 3.28 -6.92
CA ILE B 104 11.68 2.20 -7.12
C ILE B 104 12.04 1.03 -6.20
N VAL B 105 11.18 0.75 -5.22
CA VAL B 105 11.47 -0.27 -4.21
C VAL B 105 10.61 -1.47 -4.52
N GLU B 106 11.25 -2.62 -4.65
CA GLU B 106 10.56 -3.88 -4.97
C GLU B 106 10.52 -4.82 -3.77
N GLN C 1 -2.82 7.53 4.50
CA GLN C 1 -1.79 7.22 3.47
C GLN C 1 -0.75 6.30 4.10
N ASP C 2 -0.34 5.26 3.36
CA ASP C 2 0.37 4.09 3.92
C ASP C 2 0.24 2.79 3.07
N LYS C 3 -0.98 2.44 2.69
CA LYS C 3 -1.21 1.37 1.73
C LYS C 3 -1.13 1.92 0.30
N ILE C 4 -1.04 3.24 0.17
CA ILE C 4 -1.19 3.87 -1.13
C ILE C 4 -0.08 4.88 -1.32
N THR C 5 0.08 5.32 -2.56
CA THR C 5 0.92 6.44 -2.88
C THR C 5 0.08 7.42 -3.70
N VAL C 6 -0.10 8.61 -3.20
CA VAL C 6 -0.87 9.56 -3.98
C VAL C 6 0.11 10.30 -4.82
N THR C 7 0.38 9.63 -5.92
CA THR C 7 0.74 10.26 -7.18
C THR C 7 0.82 11.81 -7.10
N SER C 8 -0.30 12.50 -7.32
CA SER C 8 -0.31 13.94 -7.12
C SER C 8 -1.46 14.27 -6.19
N GLU C 9 -1.20 15.13 -5.21
CA GLU C 9 -2.22 15.52 -4.26
C GLU C 9 -3.27 16.45 -4.88
N LYS C 10 -2.83 17.27 -5.85
CA LYS C 10 -3.70 18.15 -6.64
C LYS C 10 -4.23 17.35 -7.83
N PRO C 11 -5.46 17.65 -8.30
CA PRO C 11 -5.94 16.96 -9.52
C PRO C 11 -5.17 17.30 -10.81
N VAL C 12 -5.15 16.35 -11.74
CA VAL C 12 -4.50 16.58 -13.02
C VAL C 12 -5.51 16.72 -14.17
N ALA C 13 -5.04 17.20 -15.32
CA ALA C 13 -5.87 17.23 -16.49
C ALA C 13 -6.09 15.80 -16.98
N ALA C 14 -7.28 15.56 -17.52
CA ALA C 14 -7.62 14.29 -18.14
C ALA C 14 -6.62 13.96 -19.23
N ALA C 15 -6.02 14.99 -19.80
CA ALA C 15 -5.03 14.80 -20.85
C ALA C 15 -3.77 14.12 -20.32
N ASP C 16 -3.52 14.24 -19.02
CA ASP C 16 -2.36 13.59 -18.39
C ASP C 16 -2.57 12.11 -18.06
N VAL C 17 -3.80 11.62 -18.06
CA VAL C 17 -4.07 10.20 -17.86
C VAL C 17 -3.46 9.37 -19.01
N PRO C 18 -2.69 8.32 -18.65
CA PRO C 18 -2.12 7.39 -19.63
C PRO C 18 -3.17 6.65 -20.42
N ALA C 19 -2.83 6.32 -21.66
CA ALA C 19 -3.70 5.46 -22.49
C ALA C 19 -3.78 4.03 -21.95
N ASP C 20 -2.85 3.67 -21.06
CA ASP C 20 -2.83 2.34 -20.44
C ASP C 20 -3.92 2.13 -19.37
N ALA C 21 -4.20 3.18 -18.60
CA ALA C 21 -4.74 3.05 -17.24
C ALA C 21 -6.12 2.43 -17.07
N VAL C 22 -6.40 2.04 -15.84
CA VAL C 22 -7.74 1.70 -15.40
C VAL C 22 -8.37 3.02 -14.91
N VAL C 23 -9.46 3.42 -15.55
CA VAL C 23 -10.04 4.74 -15.32
C VAL C 23 -11.45 4.50 -14.85
N VAL C 24 -11.82 5.21 -13.79
CA VAL C 24 -13.20 5.21 -13.31
C VAL C 24 -13.81 6.59 -13.58
N GLY C 25 -14.79 6.64 -14.50
CA GLY C 25 -15.46 7.89 -14.79
C GLY C 25 -16.45 8.31 -13.70
N ILE C 26 -16.70 9.59 -13.62
CA ILE C 26 -17.68 10.10 -12.67
C ILE C 26 -18.63 11.01 -13.45
N GLU C 27 -19.91 10.63 -13.48
CA GLU C 27 -20.91 11.35 -14.24
C GLU C 27 -22.28 11.11 -13.62
N LYS C 28 -23.09 12.15 -13.58
CA LYS C 28 -24.44 12.10 -13.02
C LYS C 28 -24.44 11.64 -11.58
N MET C 29 -23.61 12.27 -10.76
CA MET C 29 -23.55 11.96 -9.33
C MET C 29 -23.27 10.49 -9.04
N LYS C 30 -22.40 9.86 -9.81
CA LYS C 30 -22.02 8.48 -9.51
C LYS C 30 -20.73 8.07 -10.15
N TYR C 31 -20.01 7.17 -9.48
CA TYR C 31 -18.86 6.49 -10.07
C TYR C 31 -19.40 5.49 -11.06
N LEU C 32 -18.89 5.55 -12.29
CA LEU C 32 -19.48 4.78 -13.36
C LEU C 32 -18.97 3.35 -13.33
N THR C 33 -17.90 3.10 -12.59
CA THR C 33 -17.42 1.73 -12.39
C THR C 33 -17.20 1.52 -10.90
N PRO C 34 -18.26 1.11 -10.19
CA PRO C 34 -18.29 1.06 -8.73
C PRO C 34 -17.36 0.00 -8.14
N GLU C 35 -16.96 -0.97 -8.96
CA GLU C 35 -16.02 -1.98 -8.54
C GLU C 35 -14.95 -2.17 -9.60
N VAL C 36 -13.70 -1.99 -9.22
CA VAL C 36 -12.61 -2.30 -10.13
C VAL C 36 -11.59 -3.18 -9.42
N THR C 37 -10.95 -4.07 -10.17
CA THR C 37 -10.07 -5.02 -9.56
C THR C 37 -8.69 -4.98 -10.27
N ILE C 38 -7.68 -4.57 -9.50
CA ILE C 38 -6.32 -4.40 -10.00
C ILE C 38 -5.33 -5.32 -9.25
N LYS C 39 -4.06 -5.23 -9.63
CA LYS C 39 -2.97 -5.91 -8.95
C LYS C 39 -2.24 -4.90 -8.08
N ALA C 40 -1.64 -5.35 -6.97
CA ALA C 40 -0.87 -4.46 -6.10
C ALA C 40 0.17 -3.73 -6.91
N GLY C 41 0.38 -2.46 -6.58
CA GLY C 41 1.29 -1.62 -7.36
C GLY C 41 0.66 -0.86 -8.51
N GLU C 42 -0.61 -1.12 -8.82
CA GLU C 42 -1.26 -0.43 -9.94
C GLU C 42 -1.98 0.84 -9.53
N THR C 43 -2.09 1.76 -10.48
CA THR C 43 -2.74 3.05 -10.26
C THR C 43 -4.12 3.13 -10.91
N VAL C 44 -5.11 3.55 -10.14
CA VAL C 44 -6.46 3.77 -10.63
C VAL C 44 -6.58 5.26 -10.85
N TYR C 45 -7.15 5.66 -11.98
CA TYR C 45 -7.46 7.07 -12.22
C TYR C 45 -8.93 7.28 -12.12
N TRP C 46 -9.35 8.38 -11.52
CA TRP C 46 -10.74 8.78 -11.56
C TRP C 46 -10.81 10.00 -12.41
N VAL C 47 -11.84 10.10 -13.27
CA VAL C 47 -12.00 11.24 -14.14
C VAL C 47 -13.41 11.82 -13.97
N ASN C 48 -13.49 13.11 -13.63
CA ASN C 48 -14.76 13.82 -13.46
C ASN C 48 -15.21 14.38 -14.82
N GLY C 49 -16.38 13.93 -15.27
CA GLY C 49 -16.93 14.39 -16.52
C GLY C 49 -17.91 15.54 -16.40
N GLU C 50 -18.29 15.96 -15.19
CA GLU C 50 -19.31 16.99 -14.97
C GLU C 50 -18.79 18.17 -14.15
N VAL C 51 -19.54 19.29 -14.16
CA VAL C 51 -19.09 20.51 -13.46
C VAL C 51 -19.27 20.44 -11.94
N MET C 52 -20.14 19.53 -11.48
CA MET C 52 -20.27 19.18 -10.08
C MET C 52 -18.93 18.65 -9.56
N PRO C 53 -18.39 19.25 -8.48
CA PRO C 53 -17.10 18.78 -7.93
C PRO C 53 -17.25 17.46 -7.18
N HIS C 54 -16.27 16.57 -7.31
CA HIS C 54 -16.30 15.24 -6.71
C HIS C 54 -14.87 14.89 -6.33
N ASN C 55 -14.72 14.04 -5.33
CA ASN C 55 -13.40 13.62 -4.90
C ASN C 55 -13.46 12.16 -4.63
N VAL C 56 -12.38 11.63 -4.05
CA VAL C 56 -12.25 10.25 -3.62
C VAL C 56 -11.77 10.32 -2.16
N ALA C 57 -12.51 9.70 -1.26
CA ALA C 57 -12.22 9.74 0.18
C ALA C 57 -12.36 8.34 0.76
N PHE C 58 -11.56 8.05 1.78
CA PHE C 58 -11.63 6.78 2.51
C PHE C 58 -11.75 7.06 4.01
N LYS C 59 -12.45 6.18 4.71
CA LYS C 59 -12.57 6.27 6.15
C LYS C 59 -11.32 5.71 6.85
N LYS C 60 -11.19 6.04 8.13
CA LYS C 60 -10.14 5.53 9.00
C LYS C 60 -9.89 4.06 8.79
N GLY C 61 -8.61 3.70 8.78
CA GLY C 61 -8.23 2.31 8.72
C GLY C 61 -8.38 1.65 7.35
N ILE C 62 -8.68 2.39 6.29
CA ILE C 62 -8.81 1.74 4.97
C ILE C 62 -7.54 1.88 4.11
N VAL C 63 -6.99 3.08 3.97
CA VAL C 63 -5.73 3.21 3.24
C VAL C 63 -4.64 3.56 4.23
N GLY C 64 -5.01 3.60 5.49
CA GLY C 64 -4.06 3.92 6.54
C GLY C 64 -4.80 4.11 7.84
N GLU C 65 -4.05 4.49 8.87
CA GLU C 65 -4.62 4.69 10.19
C GLU C 65 -5.73 5.73 10.13
N ASP C 66 -5.41 6.85 9.51
CA ASP C 66 -6.31 7.98 9.45
C ASP C 66 -7.16 7.95 8.20
N ALA C 67 -8.21 8.76 8.19
CA ALA C 67 -9.06 8.88 7.03
C ALA C 67 -8.31 9.65 5.93
N PHE C 68 -8.69 9.44 4.67
CA PHE C 68 -8.09 10.19 3.59
C PHE C 68 -9.15 10.87 2.70
N ARG C 69 -8.96 12.18 2.49
CA ARG C 69 -9.86 13.06 1.74
C ARG C 69 -9.09 13.52 0.51
N GLY C 70 -9.43 13.01 -0.68
CA GLY C 70 -8.79 13.50 -1.89
C GLY C 70 -9.22 14.93 -2.23
N GLU C 71 -8.41 15.64 -2.99
CA GLU C 71 -8.75 17.01 -3.38
C GLU C 71 -9.83 17.01 -4.47
N MET C 72 -10.66 18.05 -4.49
CA MET C 72 -11.83 18.11 -5.38
C MET C 72 -11.44 18.28 -6.83
N MET C 73 -11.94 17.37 -7.68
CA MET C 73 -11.91 17.53 -9.12
C MET C 73 -13.14 18.33 -9.59
N THR C 74 -12.96 19.20 -10.58
CA THR C 74 -14.07 19.64 -11.40
C THR C 74 -14.02 18.95 -12.76
N LYS C 75 -14.69 19.54 -13.75
CA LYS C 75 -14.91 18.84 -15.00
C LYS C 75 -13.61 18.66 -15.77
N ASP C 76 -13.39 17.43 -16.23
CA ASP C 76 -12.23 17.04 -16.99
C ASP C 76 -10.93 17.10 -16.19
N GLN C 77 -11.02 16.96 -14.88
CA GLN C 77 -9.84 16.76 -14.05
C GLN C 77 -9.80 15.30 -13.70
N ALA C 78 -8.62 14.81 -13.32
CA ALA C 78 -8.41 13.41 -13.05
C ALA C 78 -7.69 13.31 -11.69
N TYR C 79 -7.74 12.14 -11.05
CA TYR C 79 -7.10 11.93 -9.74
C TYR C 79 -6.59 10.48 -9.68
N ALA C 80 -5.33 10.30 -9.26
CA ALA C 80 -4.67 9.00 -9.32
C ALA C 80 -4.16 8.59 -7.95
N ILE C 81 -4.46 7.34 -7.57
CA ILE C 81 -3.95 6.71 -6.36
C ILE C 81 -3.37 5.36 -6.76
N THR C 82 -2.14 5.09 -6.34
CA THR C 82 -1.50 3.78 -6.50
C THR C 82 -1.79 2.92 -5.29
N PHE C 83 -2.34 1.74 -5.52
CA PHE C 83 -2.58 0.81 -4.44
C PHE C 83 -1.46 -0.23 -4.29
N ASN C 84 -0.73 -0.12 -3.18
CA ASN C 84 0.50 -0.87 -3.02
C ASN C 84 0.28 -2.23 -2.37
N GLU C 85 -0.75 -2.35 -1.54
CA GLU C 85 -1.04 -3.61 -0.87
C GLU C 85 -2.32 -4.20 -1.40
N ALA C 86 -2.42 -5.53 -1.35
CA ALA C 86 -3.64 -6.24 -1.66
C ALA C 86 -4.72 -5.98 -0.62
N GLY C 87 -5.97 -6.24 -0.98
CA GLY C 87 -7.09 -5.94 -0.12
C GLY C 87 -8.27 -5.33 -0.87
N SER C 88 -9.34 -5.00 -0.14
CA SER C 88 -10.50 -4.25 -0.66
C SER C 88 -10.55 -2.85 -0.06
N TYR C 89 -10.82 -1.86 -0.91
CA TYR C 89 -10.80 -0.47 -0.47
C TYR C 89 -12.10 0.23 -0.84
N ASP C 90 -13.00 0.32 0.12
CA ASP C 90 -14.21 1.10 -0.08
C ASP C 90 -13.87 2.57 -0.11
N TYR C 91 -14.45 3.29 -1.07
CA TYR C 91 -14.40 4.76 -1.05
C TYR C 91 -15.75 5.40 -1.33
N PHE C 92 -15.84 6.70 -1.02
CA PHE C 92 -17.04 7.50 -1.26
C PHE C 92 -16.58 8.92 -1.65
N CYS C 93 -17.56 9.77 -2.01
CA CYS C 93 -17.33 11.19 -2.29
C CYS C 93 -17.69 12.01 -1.06
N THR C 94 -16.79 12.89 -0.66
CA THR C 94 -16.94 13.61 0.60
C THR C 94 -18.26 14.40 0.73
N PRO C 95 -18.55 15.30 -0.22
CA PRO C 95 -19.82 16.02 -0.07
C PRO C 95 -21.07 15.19 -0.41
N HIS C 96 -20.88 14.13 -1.19
CA HIS C 96 -21.97 13.31 -1.70
C HIS C 96 -21.77 11.86 -1.29
N PRO C 97 -21.91 11.58 0.02
CA PRO C 97 -21.45 10.31 0.61
C PRO C 97 -22.21 9.10 0.09
N PHE C 98 -23.34 9.35 -0.56
CA PHE C 98 -24.10 8.31 -1.27
C PHE C 98 -23.42 7.74 -2.51
N MET C 99 -22.51 8.51 -3.10
CA MET C 99 -21.60 8.02 -4.14
C MET C 99 -20.56 7.11 -3.47
N ARG C 100 -20.54 5.86 -3.88
CA ARG C 100 -19.65 4.88 -3.27
C ARG C 100 -19.02 4.01 -4.33
N GLY C 101 -17.82 3.52 -4.07
CA GLY C 101 -17.21 2.59 -5.00
C GLY C 101 -16.25 1.74 -4.21
N LYS C 102 -15.56 0.82 -4.90
CA LYS C 102 -14.60 -0.06 -4.26
C LYS C 102 -13.49 -0.47 -5.22
N VAL C 103 -12.27 -0.54 -4.68
CA VAL C 103 -11.12 -1.09 -5.41
C VAL C 103 -10.66 -2.37 -4.73
N ILE C 104 -10.60 -3.44 -5.50
CA ILE C 104 -10.09 -4.72 -5.02
C ILE C 104 -8.69 -4.91 -5.60
N VAL C 105 -7.72 -5.12 -4.74
CA VAL C 105 -6.33 -5.15 -5.15
C VAL C 105 -5.90 -6.59 -4.87
N GLU C 106 -5.33 -7.25 -5.87
CA GLU C 106 -4.93 -8.64 -5.78
C GLU C 106 -3.45 -8.78 -5.50
#